data_8DEP
#
_entry.id   8DEP
#
_cell.length_a   1.00
_cell.length_b   1.00
_cell.length_c   1.00
_cell.angle_alpha   90.00
_cell.angle_beta   90.00
_cell.angle_gamma   90.00
#
_symmetry.space_group_name_H-M   'P 1'
#
loop_
_entity.id
_entity.type
_entity.pdbx_description
1 polymer 'Reduced folate transporter,Soluble cytochrome b562'
2 non-polymer Digitonin
#
_entity_poly.entity_id   1
_entity_poly.type   'polypeptide(L)'
_entity_poly.pdbx_seq_one_letter_code
;MVPSSPAVEKQVPVEPGPDPELRSWRHLVCYLCFYGFMAQIRPGESFITPYLLGPDKNFTREQVTNEITPVLSYSYLAVL
VPVFLLTDYLRYTPVLLLQGLSFVSVWLLLLLGHSVAHMQLMELFYSVTMAARIAYSSYIFSLVRPARYQRVAGYSRAAV
LLGVFTSSVLGQLLVTVGRVSFSTLNYISLAFLTFSVVLALFLKRPKRSLFFNRDLEDNWETLNDNLKVIEKADNAAQVK
DALTKMRAAALDAQKATPPKLEDKSPDSPEMKDFRHGFDILVGQIDDALKLANEGKVKEAQAAAEQLKTTRNAYIQKYLL
RVACGDSVLARMLRELGDSLRRPQLRLWSLWWVFNSAGYYLVVYYVHILWNEVDPTTNSARVYNGAADAASTLLGAITSF
AAGFVKIRWARWSKLLIAGVTATQAGLVFLLAHTRHPSSIWLCYAAFVLFRGSYQFLVPIATFQIASSLSKELCALVFGV
NTFFATIVKTIITFIVSDVRGLGLPVRKQFQLYSVYFLILSIIYFLGAMLDGLRHCQRGHHPRQPPAQGLRSAAEEKAAQ
ALSVQDKGLGGLQPAQSPPLSPEDSLGAVGPASLEQRQSDPYLAQAPAPQAAEFLSPVTTPSPCTLCSAQASGPEAADET
CPQLAVHPPGVSKLGLQCLPSDGVQNVNQANSLEVLFQ
;
_entity_poly.pdbx_strand_id   A
#
# COMPACT_ATOMS: atom_id res chain seq x y z
N ARG A 23 -1.56 -35.77 2.83
CA ARG A 23 -2.12 -35.96 4.16
C ARG A 23 -1.56 -34.92 5.12
N SER A 24 -0.29 -35.10 5.51
CA SER A 24 0.35 -34.15 6.40
C SER A 24 0.51 -32.78 5.75
N TRP A 25 0.58 -32.75 4.41
CA TRP A 25 0.73 -31.48 3.70
C TRP A 25 -0.43 -30.54 4.00
N ARG A 26 -1.65 -31.08 4.01
CA ARG A 26 -2.83 -30.25 4.24
C ARG A 26 -2.70 -29.42 5.51
N HIS A 27 -2.07 -29.97 6.55
CA HIS A 27 -1.97 -29.26 7.81
C HIS A 27 -1.25 -27.92 7.61
N LEU A 28 -0.06 -27.96 7.01
CA LEU A 28 0.67 -26.72 6.75
C LEU A 28 -0.07 -25.86 5.73
N VAL A 29 -0.68 -26.49 4.73
CA VAL A 29 -1.36 -25.74 3.68
C VAL A 29 -2.45 -24.87 4.27
N CYS A 30 -3.22 -25.41 5.23
CA CYS A 30 -4.26 -24.62 5.87
C CYS A 30 -3.69 -23.69 6.93
N TYR A 31 -2.63 -24.10 7.62
CA TYR A 31 -2.09 -23.27 8.70
C TYR A 31 -1.51 -21.97 8.15
N LEU A 32 -0.85 -22.04 6.99
CA LEU A 32 -0.30 -20.81 6.42
C LEU A 32 -1.41 -19.82 6.08
N CYS A 33 -2.48 -20.30 5.44
CA CYS A 33 -3.59 -19.42 5.12
C CYS A 33 -4.22 -18.86 6.38
N PHE A 34 -4.37 -19.70 7.41
CA PHE A 34 -4.94 -19.23 8.66
C PHE A 34 -4.09 -18.11 9.26
N TYR A 35 -2.77 -18.30 9.27
CA TYR A 35 -1.90 -17.27 9.82
C TYR A 35 -2.03 -15.97 9.05
N GLY A 36 -1.99 -16.05 7.71
CA GLY A 36 -2.13 -14.83 6.93
C GLY A 36 -3.42 -14.11 7.23
N PHE A 37 -4.53 -14.84 7.21
CA PHE A 37 -5.82 -14.22 7.45
C PHE A 37 -5.88 -13.59 8.84
N MET A 38 -5.41 -14.31 9.86
CA MET A 38 -5.48 -13.78 11.22
C MET A 38 -4.58 -12.56 11.38
N ALA A 39 -3.41 -12.55 10.73
CA ALA A 39 -2.51 -11.42 10.86
C ALA A 39 -2.96 -10.21 10.07
N GLN A 40 -3.89 -10.40 9.12
CA GLN A 40 -4.47 -9.25 8.44
C GLN A 40 -5.61 -8.60 9.21
N ILE A 41 -5.96 -9.11 10.40
CA ILE A 41 -7.08 -8.59 11.17
C ILE A 41 -6.64 -7.45 12.07
N ARG A 42 -6.62 -6.23 11.53
CA ARG A 42 -6.40 -5.03 12.35
C ARG A 42 -7.66 -4.17 12.33
N PRO A 43 -8.43 -4.11 13.43
CA PRO A 43 -9.67 -3.31 13.40
C PRO A 43 -9.43 -1.81 13.35
N GLY A 44 -8.46 -1.32 14.13
CA GLY A 44 -8.23 0.10 14.28
C GLY A 44 -7.26 0.72 13.30
N GLU A 45 -6.79 -0.02 12.31
CA GLU A 45 -5.82 0.54 11.37
C GLU A 45 -6.42 1.71 10.60
N SER A 46 -7.65 1.57 10.13
CA SER A 46 -8.27 2.57 9.28
C SER A 46 -8.84 3.75 10.05
N PHE A 47 -8.96 3.64 11.37
CA PHE A 47 -9.48 4.72 12.20
C PHE A 47 -8.37 5.43 12.97
N ILE A 48 -7.11 5.19 12.61
CA ILE A 48 -6.00 5.79 13.34
C ILE A 48 -6.04 7.31 13.21
N THR A 49 -6.29 7.82 12.01
CA THR A 49 -6.19 9.26 11.78
C THR A 49 -7.26 10.02 12.56
N PRO A 50 -8.53 9.61 12.48
CA PRO A 50 -9.54 10.31 13.31
C PRO A 50 -9.22 10.25 14.79
N TYR A 51 -8.64 9.14 15.26
CA TYR A 51 -8.30 9.03 16.67
C TYR A 51 -7.26 10.08 17.06
N LEU A 52 -6.25 10.29 16.21
CA LEU A 52 -5.25 11.30 16.51
C LEU A 52 -5.88 12.68 16.68
N LEU A 53 -6.87 12.99 15.87
CA LEU A 53 -7.55 14.28 15.92
C LEU A 53 -8.77 14.28 16.83
N GLY A 54 -9.04 13.17 17.50
CA GLY A 54 -10.19 13.06 18.38
C GLY A 54 -10.10 13.98 19.58
N PRO A 55 -11.23 14.16 20.28
CA PRO A 55 -11.22 15.10 21.43
C PRO A 55 -10.23 14.72 22.51
N ASP A 56 -10.02 13.42 22.73
CA ASP A 56 -9.20 12.97 23.85
C ASP A 56 -7.73 13.35 23.70
N LYS A 57 -7.27 13.62 22.48
CA LYS A 57 -5.88 13.96 22.22
C LYS A 57 -5.78 15.41 21.77
N ASN A 58 -4.94 16.19 22.45
CA ASN A 58 -4.74 17.60 22.14
C ASN A 58 -3.78 17.73 20.95
N PHE A 59 -4.29 17.39 19.77
CA PHE A 59 -3.51 17.38 18.55
C PHE A 59 -4.17 18.28 17.51
N THR A 60 -3.37 19.16 16.91
CA THR A 60 -3.84 20.02 15.84
C THR A 60 -3.60 19.35 14.48
N ARG A 61 -4.43 19.74 13.51
CA ARG A 61 -4.37 19.10 12.20
C ARG A 61 -3.05 19.40 11.48
N GLU A 62 -2.61 20.66 11.51
CA GLU A 62 -1.38 21.02 10.82
C GLU A 62 -0.18 20.29 11.40
N GLN A 63 -0.18 20.05 12.72
CA GLN A 63 0.89 19.25 13.29
C GLN A 63 0.91 17.84 12.72
N VAL A 64 -0.27 17.26 12.54
CA VAL A 64 -0.36 15.92 11.97
C VAL A 64 0.15 15.92 10.53
N THR A 65 -0.31 16.88 9.73
CA THR A 65 0.02 16.87 8.31
C THR A 65 1.48 17.22 8.06
N ASN A 66 2.06 18.11 8.88
CA ASN A 66 3.40 18.62 8.63
C ASN A 66 4.49 17.90 9.39
N GLU A 67 4.17 17.32 10.54
CA GLU A 67 5.18 16.71 11.41
C GLU A 67 5.15 15.19 11.37
N ILE A 68 3.97 14.60 11.57
CA ILE A 68 3.89 13.16 11.77
C ILE A 68 4.12 12.42 10.45
N THR A 69 3.28 12.70 9.45
CA THR A 69 3.31 11.89 8.23
C THR A 69 4.64 11.90 7.51
N PRO A 70 5.37 13.01 7.38
CA PRO A 70 6.64 12.96 6.63
C PRO A 70 7.65 11.99 7.25
N VAL A 71 7.61 11.83 8.57
CA VAL A 71 8.51 10.87 9.22
C VAL A 71 8.29 9.49 8.66
N LEU A 72 7.03 9.14 8.37
CA LEU A 72 6.74 7.85 7.75
C LEU A 72 7.50 7.71 6.44
N SER A 73 7.42 8.71 5.57
CA SER A 73 8.08 8.63 4.28
C SER A 73 9.59 8.53 4.43
N TYR A 74 10.16 9.33 5.35
CA TYR A 74 11.61 9.28 5.54
C TYR A 74 12.05 7.92 6.05
N SER A 75 11.36 7.39 7.06
CA SER A 75 11.78 6.13 7.67
C SER A 75 11.56 4.97 6.73
N TYR A 76 10.53 5.03 5.87
CA TYR A 76 10.34 3.97 4.91
C TYR A 76 11.56 3.83 4.01
N LEU A 77 12.03 4.95 3.45
CA LEU A 77 13.23 4.91 2.62
C LEU A 77 14.44 4.46 3.42
N ALA A 78 14.57 4.96 4.66
CA ALA A 78 15.73 4.61 5.46
C ALA A 78 15.78 3.11 5.74
N VAL A 79 14.61 2.51 6.03
CA VAL A 79 14.57 1.15 6.54
C VAL A 79 14.56 0.13 5.40
N LEU A 80 13.88 0.44 4.31
CA LEU A 80 13.50 -0.58 3.32
C LEU A 80 14.61 -1.55 2.96
N VAL A 81 15.73 -1.06 2.40
CA VAL A 81 16.73 -1.97 1.86
C VAL A 81 17.29 -2.89 2.93
N PRO A 82 17.72 -2.41 4.10
CA PRO A 82 18.22 -3.33 5.12
C PRO A 82 17.22 -4.41 5.49
N VAL A 83 15.94 -4.07 5.59
CA VAL A 83 14.94 -5.06 5.97
C VAL A 83 14.87 -6.17 4.94
N PHE A 84 14.81 -5.80 3.65
CA PHE A 84 14.74 -6.82 2.61
C PHE A 84 16.01 -7.66 2.57
N LEU A 85 17.17 -7.03 2.74
CA LEU A 85 18.41 -7.80 2.70
C LEU A 85 18.47 -8.77 3.87
N LEU A 86 18.05 -8.32 5.05
CA LEU A 86 17.98 -9.22 6.20
C LEU A 86 17.00 -10.34 5.96
N THR A 87 15.86 -10.03 5.34
CA THR A 87 14.87 -11.06 5.06
C THR A 87 15.45 -12.15 4.17
N ASP A 88 16.17 -11.76 3.13
CA ASP A 88 16.73 -12.76 2.21
C ASP A 88 17.86 -13.52 2.87
N TYR A 89 18.76 -12.82 3.58
CA TYR A 89 19.88 -13.50 4.22
C TYR A 89 19.40 -14.42 5.34
N LEU A 90 18.54 -13.92 6.22
CA LEU A 90 18.04 -14.71 7.33
C LEU A 90 16.88 -15.58 6.85
N ARG A 91 16.51 -16.54 7.68
CA ARG A 91 15.32 -17.33 7.41
C ARG A 91 14.09 -16.44 7.51
N TYR A 92 13.09 -16.72 6.69
CA TYR A 92 11.94 -15.83 6.59
C TYR A 92 11.20 -15.72 7.92
N THR A 93 11.14 -16.81 8.69
CA THR A 93 10.34 -16.81 9.91
C THR A 93 10.74 -15.71 10.88
N PRO A 94 12.03 -15.49 11.16
CA PRO A 94 12.37 -14.39 12.08
C PRO A 94 11.81 -13.05 11.65
N VAL A 95 11.98 -12.68 10.38
CA VAL A 95 11.48 -11.39 9.92
C VAL A 95 9.96 -11.34 9.93
N LEU A 96 9.31 -12.47 9.60
CA LEU A 96 7.85 -12.50 9.66
C LEU A 96 7.36 -12.25 11.08
N LEU A 97 8.03 -12.85 12.07
CA LEU A 97 7.69 -12.59 13.46
C LEU A 97 7.96 -11.14 13.83
N LEU A 98 9.09 -10.60 13.37
CA LEU A 98 9.41 -9.20 13.64
C LEU A 98 8.33 -8.28 13.10
N GLN A 99 7.71 -8.64 11.98
CA GLN A 99 6.63 -7.81 11.44
C GLN A 99 5.48 -7.69 12.44
N GLY A 100 5.03 -8.82 12.99
CA GLY A 100 3.97 -8.79 13.98
C GLY A 100 4.38 -8.05 15.25
N LEU A 101 5.62 -8.27 15.69
CA LEU A 101 6.09 -7.56 16.87
C LEU A 101 6.09 -6.05 16.64
N SER A 102 6.50 -5.62 15.45
CA SER A 102 6.49 -4.21 15.11
C SER A 102 5.06 -3.66 15.08
N PHE A 103 4.12 -4.46 14.60
CA PHE A 103 2.72 -4.05 14.67
C PHE A 103 2.30 -3.85 16.12
N VAL A 104 2.71 -4.76 17.00
CA VAL A 104 2.37 -4.64 18.42
C VAL A 104 2.96 -3.36 18.98
N SER A 105 4.21 -3.06 18.64
CA SER A 105 4.86 -1.85 19.12
C SER A 105 4.15 -0.61 18.60
N VAL A 106 3.77 -0.62 17.32
CA VAL A 106 3.06 0.51 16.74
C VAL A 106 1.79 0.78 17.52
N TRP A 107 1.00 -0.26 17.77
CA TRP A 107 -0.26 -0.06 18.46
C TRP A 107 -0.05 0.38 19.89
N LEU A 108 0.97 -0.16 20.57
CA LEU A 108 1.26 0.28 21.93
C LEU A 108 1.62 1.76 21.96
N LEU A 109 2.49 2.20 21.03
CA LEU A 109 2.87 3.59 20.98
C LEU A 109 1.68 4.49 20.68
N LEU A 110 0.83 4.08 19.73
CA LEU A 110 -0.35 4.87 19.43
C LEU A 110 -1.27 4.98 20.64
N LEU A 111 -1.42 3.87 21.38
CA LEU A 111 -2.32 3.89 22.53
C LEU A 111 -1.77 4.78 23.64
N LEU A 112 -0.47 4.74 23.90
CA LEU A 112 0.13 5.49 24.99
C LEU A 112 0.83 6.76 24.54
N GLY A 113 0.67 7.14 23.28
CA GLY A 113 1.30 8.38 22.82
C GLY A 113 0.81 9.56 23.64
N HIS A 114 1.77 10.39 24.06
CA HIS A 114 1.47 11.53 24.91
C HIS A 114 1.94 12.86 24.32
N SER A 115 2.68 12.84 23.22
CA SER A 115 3.17 14.07 22.62
C SER A 115 3.57 13.78 21.18
N VAL A 116 3.97 14.85 20.47
CA VAL A 116 4.23 14.76 19.04
C VAL A 116 5.41 13.84 18.75
N ALA A 117 6.44 13.88 19.59
CA ALA A 117 7.59 13.01 19.36
C ALA A 117 7.21 11.54 19.47
N HIS A 118 6.29 11.23 20.38
CA HIS A 118 5.80 9.85 20.48
C HIS A 118 5.16 9.43 19.16
N MET A 119 4.34 10.29 18.57
CA MET A 119 3.71 9.96 17.29
C MET A 119 4.73 9.85 16.18
N GLN A 120 5.78 10.67 16.20
CA GLN A 120 6.83 10.52 15.21
C GLN A 120 7.49 9.15 15.32
N LEU A 121 7.80 8.74 16.55
CA LEU A 121 8.35 7.41 16.77
C LEU A 121 7.37 6.33 16.32
N MET A 122 6.07 6.58 16.52
CA MET A 122 5.06 5.63 16.08
C MET A 122 5.09 5.46 14.57
N GLU A 123 5.22 6.57 13.83
CA GLU A 123 5.30 6.48 12.38
C GLU A 123 6.57 5.76 11.97
N LEU A 124 7.68 6.02 12.66
CA LEU A 124 8.91 5.28 12.39
C LEU A 124 8.67 3.79 12.54
N PHE A 125 7.98 3.39 13.61
CA PHE A 125 7.74 1.97 13.84
C PHE A 125 6.77 1.39 12.82
N TYR A 126 5.79 2.17 12.38
CA TYR A 126 4.85 1.69 11.36
C TYR A 126 5.54 1.48 10.02
N SER A 127 6.56 2.29 9.74
CA SER A 127 7.29 2.11 8.49
C SER A 127 7.89 0.72 8.39
N VAL A 128 8.41 0.20 9.50
CA VAL A 128 9.00 -1.13 9.50
C VAL A 128 7.95 -2.17 9.13
N THR A 129 6.75 -2.06 9.71
CA THR A 129 5.68 -3.00 9.37
C THR A 129 5.33 -2.88 7.89
N MET A 130 5.32 -1.66 7.37
CA MET A 130 5.03 -1.47 5.95
C MET A 130 6.07 -2.17 5.09
N ALA A 131 7.34 -2.10 5.49
CA ALA A 131 8.42 -2.65 4.67
C ALA A 131 8.28 -4.16 4.51
N ALA A 132 7.88 -4.86 5.57
CA ALA A 132 7.92 -6.32 5.58
C ALA A 132 6.85 -6.96 4.70
N ARG A 133 5.95 -6.18 4.10
CA ARG A 133 4.83 -6.76 3.36
C ARG A 133 5.30 -7.77 2.33
N ILE A 134 6.36 -7.46 1.60
CA ILE A 134 6.76 -8.27 0.45
C ILE A 134 7.25 -9.65 0.88
N ALA A 135 7.84 -9.76 2.07
CA ALA A 135 8.57 -10.98 2.43
C ALA A 135 7.67 -12.21 2.37
N TYR A 136 6.42 -12.08 2.81
CA TYR A 136 5.58 -13.26 3.00
C TYR A 136 5.37 -14.02 1.69
N SER A 137 5.18 -13.30 0.59
CA SER A 137 5.04 -13.96 -0.70
C SER A 137 6.30 -14.73 -1.06
N SER A 138 7.47 -14.19 -0.69
CA SER A 138 8.70 -14.94 -0.91
C SER A 138 8.78 -16.17 -0.02
N TYR A 139 8.34 -16.05 1.23
CA TYR A 139 8.40 -17.17 2.15
C TYR A 139 7.55 -18.33 1.67
N ILE A 140 6.33 -18.03 1.20
CA ILE A 140 5.46 -19.10 0.71
C ILE A 140 6.11 -19.81 -0.47
N PHE A 141 6.71 -19.06 -1.40
CA PHE A 141 7.44 -19.70 -2.47
C PHE A 141 8.59 -20.53 -1.93
N SER A 142 9.24 -20.06 -0.88
CA SER A 142 10.41 -20.76 -0.34
C SER A 142 10.01 -22.13 0.20
N LEU A 143 9.00 -22.17 1.06
CA LEU A 143 8.65 -23.42 1.72
C LEU A 143 8.05 -24.42 0.74
N VAL A 144 7.02 -23.99 -0.01
CA VAL A 144 6.23 -24.93 -0.79
C VAL A 144 7.09 -25.55 -1.89
N ARG A 145 6.78 -26.80 -2.22
CA ARG A 145 7.49 -27.46 -3.31
C ARG A 145 7.27 -26.70 -4.61
N PRO A 146 8.28 -26.62 -5.48
CA PRO A 146 8.14 -25.79 -6.69
C PRO A 146 6.99 -26.21 -7.59
N ALA A 147 6.73 -27.51 -7.71
CA ALA A 147 5.69 -27.97 -8.62
C ALA A 147 4.32 -27.49 -8.18
N ARG A 148 4.05 -27.52 -6.89
CA ARG A 148 2.75 -27.14 -6.34
C ARG A 148 2.65 -25.66 -6.02
N TYR A 149 3.69 -24.88 -6.31
CA TYR A 149 3.76 -23.50 -5.84
C TYR A 149 2.54 -22.69 -6.25
N GLN A 150 2.13 -22.80 -7.52
CA GLN A 150 1.08 -21.93 -8.02
C GLN A 150 -0.19 -22.03 -7.18
N ARG A 151 -0.60 -23.26 -6.86
CA ARG A 151 -1.85 -23.48 -6.15
C ARG A 151 -1.81 -22.88 -4.74
N VAL A 152 -0.73 -23.17 -4.01
CA VAL A 152 -0.61 -22.65 -2.65
C VAL A 152 -0.48 -21.13 -2.67
N ALA A 153 0.22 -20.58 -3.66
CA ALA A 153 0.37 -19.14 -3.73
C ALA A 153 -0.96 -18.46 -3.99
N GLY A 154 -1.77 -19.02 -4.89
CA GLY A 154 -3.09 -18.45 -5.12
C GLY A 154 -3.96 -18.54 -3.89
N TYR A 155 -3.94 -19.69 -3.20
CA TYR A 155 -4.73 -19.80 -1.98
C TYR A 155 -4.29 -18.78 -0.95
N SER A 156 -2.98 -18.59 -0.79
CA SER A 156 -2.47 -17.63 0.18
C SER A 156 -2.87 -16.21 -0.20
N ARG A 157 -2.77 -15.87 -1.48
CA ARG A 157 -3.17 -14.53 -1.91
C ARG A 157 -4.64 -14.29 -1.62
N ALA A 158 -5.49 -15.28 -1.93
CA ALA A 158 -6.90 -15.16 -1.61
C ALA A 158 -7.11 -14.96 -0.12
N ALA A 159 -6.39 -15.73 0.70
CA ALA A 159 -6.55 -15.64 2.15
C ALA A 159 -6.17 -14.27 2.66
N VAL A 160 -5.02 -13.75 2.22
CA VAL A 160 -4.55 -12.46 2.73
C VAL A 160 -5.49 -11.34 2.27
N LEU A 161 -5.96 -11.41 1.03
CA LEU A 161 -6.90 -10.39 0.57
C LEU A 161 -8.21 -10.45 1.34
N LEU A 162 -8.69 -11.66 1.62
CA LEU A 162 -9.92 -11.80 2.40
C LEU A 162 -9.72 -11.24 3.81
N GLY A 163 -8.56 -11.50 4.42
CA GLY A 163 -8.28 -10.94 5.73
C GLY A 163 -8.28 -9.42 5.72
N VAL A 164 -7.61 -8.83 4.73
CA VAL A 164 -7.59 -7.38 4.63
C VAL A 164 -8.99 -6.84 4.44
N PHE A 165 -9.80 -7.51 3.64
CA PHE A 165 -11.17 -7.04 3.41
C PHE A 165 -12.01 -7.13 4.67
N THR A 166 -11.83 -8.20 5.46
CA THR A 166 -12.70 -8.41 6.61
C THR A 166 -12.30 -7.57 7.81
N SER A 167 -11.02 -7.22 7.94
CA SER A 167 -10.60 -6.47 9.12
C SER A 167 -11.31 -5.12 9.21
N SER A 168 -11.32 -4.37 8.11
CA SER A 168 -11.93 -3.05 8.11
C SER A 168 -13.44 -3.16 8.27
N VAL A 169 -14.06 -4.14 7.62
CA VAL A 169 -15.49 -4.35 7.81
C VAL A 169 -15.79 -4.62 9.27
N LEU A 170 -15.00 -5.48 9.90
CA LEU A 170 -15.24 -5.80 11.31
C LEU A 170 -15.14 -4.56 12.18
N GLY A 171 -14.08 -3.77 12.02
CA GLY A 171 -13.91 -2.60 12.85
C GLY A 171 -15.00 -1.55 12.62
N GLN A 172 -15.29 -1.24 11.36
CA GLN A 172 -16.28 -0.23 11.05
C GLN A 172 -17.66 -0.64 11.51
N LEU A 173 -18.02 -1.91 11.31
CA LEU A 173 -19.33 -2.37 11.76
C LEU A 173 -19.40 -2.39 13.28
N LEU A 174 -18.31 -2.75 13.94
CA LEU A 174 -18.29 -2.74 15.40
C LEU A 174 -18.56 -1.33 15.92
N VAL A 175 -17.89 -0.34 15.35
CA VAL A 175 -18.06 1.03 15.83
C VAL A 175 -19.43 1.58 15.45
N THR A 176 -19.89 1.29 14.22
CA THR A 176 -21.04 1.98 13.67
C THR A 176 -22.34 1.61 14.39
N VAL A 177 -22.59 0.31 14.56
CA VAL A 177 -23.81 -0.11 15.24
C VAL A 177 -23.57 -0.34 16.72
N GLY A 178 -22.39 -0.83 17.09
CA GLY A 178 -22.07 -0.97 18.50
C GLY A 178 -21.95 0.36 19.20
N ARG A 179 -21.55 1.40 18.47
CA ARG A 179 -21.33 2.74 19.03
C ARG A 179 -20.23 2.73 20.09
N VAL A 180 -19.22 1.88 19.90
CA VAL A 180 -18.11 1.82 20.84
C VAL A 180 -17.20 3.03 20.66
N SER A 181 -16.55 3.44 21.73
CA SER A 181 -15.63 4.57 21.68
C SER A 181 -14.35 4.17 20.97
N PHE A 182 -13.55 5.19 20.61
CA PHE A 182 -12.32 4.93 19.88
C PHE A 182 -11.31 4.18 20.76
N SER A 183 -11.15 4.61 22.01
CA SER A 183 -10.20 3.96 22.90
C SER A 183 -10.53 2.48 23.05
N THR A 184 -11.81 2.15 23.17
CA THR A 184 -12.20 0.75 23.24
C THR A 184 -11.80 -0.01 21.98
N LEU A 185 -11.96 0.63 20.81
CA LEU A 185 -11.70 -0.07 19.56
C LEU A 185 -10.24 -0.49 19.45
N ASN A 186 -9.31 0.41 19.80
CA ASN A 186 -7.90 0.05 19.74
C ASN A 186 -7.54 -0.99 20.79
N TYR A 187 -8.20 -0.93 21.95
CA TYR A 187 -7.99 -1.98 22.95
C TYR A 187 -8.40 -3.33 22.40
N ILE A 188 -9.51 -3.38 21.67
CA ILE A 188 -9.93 -4.62 21.02
C ILE A 188 -8.89 -5.04 19.99
N SER A 189 -8.38 -4.09 19.21
CA SER A 189 -7.39 -4.39 18.18
C SER A 189 -6.12 -5.00 18.77
N LEU A 190 -5.70 -4.53 19.94
CA LEU A 190 -4.44 -4.99 20.52
C LEU A 190 -4.48 -6.49 20.82
N ALA A 191 -5.62 -6.98 21.30
CA ALA A 191 -5.76 -8.41 21.56
C ALA A 191 -5.57 -9.22 20.28
N PHE A 192 -6.18 -8.78 19.18
CA PHE A 192 -6.02 -9.48 17.92
C PHE A 192 -4.56 -9.45 17.47
N LEU A 193 -3.89 -8.32 17.66
CA LEU A 193 -2.47 -8.25 17.29
C LEU A 193 -1.63 -9.22 18.12
N THR A 194 -1.94 -9.32 19.43
CA THR A 194 -1.20 -10.24 20.28
C THR A 194 -1.41 -11.69 19.84
N PHE A 195 -2.67 -12.05 19.55
CA PHE A 195 -2.92 -13.40 19.06
C PHE A 195 -2.20 -13.62 17.74
N SER A 196 -2.17 -12.60 16.89
CA SER A 196 -1.50 -12.72 15.61
C SER A 196 -0.03 -13.06 15.80
N VAL A 197 0.67 -12.34 16.67
CA VAL A 197 2.09 -12.61 16.87
C VAL A 197 2.29 -13.99 17.49
N VAL A 198 1.47 -14.34 18.48
CA VAL A 198 1.65 -15.63 19.15
C VAL A 198 1.46 -16.76 18.16
N LEU A 199 0.44 -16.67 17.30
CA LEU A 199 0.25 -17.67 16.26
C LEU A 199 1.40 -17.64 15.26
N ALA A 200 1.89 -16.45 14.94
CA ALA A 200 2.96 -16.32 13.95
C ALA A 200 4.22 -17.05 14.41
N LEU A 201 4.44 -17.13 15.72
CA LEU A 201 5.69 -17.70 16.21
C LEU A 201 5.91 -19.13 15.69
N PHE A 202 4.85 -19.93 15.63
CA PHE A 202 5.01 -21.38 15.50
C PHE A 202 5.45 -21.84 14.11
N LEU A 203 5.13 -21.10 13.05
CA LEU A 203 5.26 -21.64 11.70
C LEU A 203 6.69 -22.10 11.42
N LYS A 204 6.81 -23.25 10.75
CA LYS A 204 8.11 -23.84 10.51
C LYS A 204 8.96 -22.96 9.59
N ARG A 205 10.26 -22.90 9.89
CA ARG A 205 11.17 -22.08 9.10
C ARG A 205 11.50 -22.79 7.79
N PRO A 206 11.64 -22.06 6.69
CA PRO A 206 12.05 -22.68 5.44
C PRO A 206 13.42 -23.32 5.56
N LYS A 207 13.63 -24.42 4.85
CA LYS A 207 14.85 -25.19 5.02
C LYS A 207 16.06 -24.43 4.52
N ARG A 208 16.06 -24.02 3.24
CA ARG A 208 17.23 -23.36 2.66
C ARG A 208 16.77 -22.43 1.54
N SER A 209 16.65 -21.14 1.86
CA SER A 209 16.50 -20.09 0.86
C SER A 209 17.46 -18.95 1.21
N LEU A 210 18.71 -19.07 0.76
CA LEU A 210 19.72 -18.05 1.01
C LEU A 210 20.05 -17.35 -0.29
N PHE A 211 19.72 -16.07 -0.38
CA PHE A 211 19.99 -15.26 -1.56
C PHE A 211 19.50 -15.94 -2.83
N LEU A 329 28.80 -13.97 -9.00
CA LEU A 329 27.45 -14.12 -9.52
C LEU A 329 27.23 -13.26 -10.76
N ALA A 330 28.15 -13.37 -11.73
CA ALA A 330 28.03 -12.61 -12.96
C ALA A 330 26.79 -13.00 -13.75
N ARG A 331 26.20 -14.16 -13.46
CA ARG A 331 24.99 -14.56 -14.17
C ARG A 331 23.86 -13.55 -13.96
N MET A 332 23.70 -13.08 -12.71
CA MET A 332 22.66 -12.10 -12.43
C MET A 332 22.88 -10.82 -13.22
N LEU A 333 24.13 -10.33 -13.25
CA LEU A 333 24.42 -9.11 -13.99
C LEU A 333 24.16 -9.29 -15.48
N ARG A 334 24.58 -10.42 -16.04
CA ARG A 334 24.35 -10.68 -17.46
C ARG A 334 22.86 -10.74 -17.77
N GLU A 335 22.08 -11.41 -16.92
CA GLU A 335 20.65 -11.50 -17.14
C GLU A 335 20.01 -10.12 -17.06
N LEU A 336 20.40 -9.31 -16.08
CA LEU A 336 19.85 -7.96 -15.97
C LEU A 336 20.18 -7.14 -17.20
N GLY A 337 21.43 -7.21 -17.66
CA GLY A 337 21.80 -6.47 -18.85
C GLY A 337 21.01 -6.88 -20.07
N ASP A 338 20.86 -8.20 -20.28
CA ASP A 338 20.10 -8.69 -21.42
C ASP A 338 18.64 -8.22 -21.35
N SER A 339 18.00 -8.43 -20.19
CA SER A 339 16.59 -8.08 -20.06
C SER A 339 16.36 -6.59 -20.23
N LEU A 340 17.26 -5.76 -19.68
CA LEU A 340 17.06 -4.31 -19.72
C LEU A 340 16.80 -3.81 -21.14
N ARG A 341 17.42 -4.44 -22.13
CA ARG A 341 17.26 -3.97 -23.51
C ARG A 341 15.84 -4.15 -24.02
N ARG A 342 15.04 -4.99 -23.37
CA ARG A 342 13.67 -5.19 -23.83
C ARG A 342 12.91 -3.88 -23.78
N PRO A 343 12.20 -3.49 -24.85
CA PRO A 343 11.52 -2.19 -24.84
C PRO A 343 10.34 -2.15 -23.89
N GLN A 344 9.50 -3.19 -23.92
CA GLN A 344 8.24 -3.14 -23.18
C GLN A 344 8.46 -2.95 -21.69
N LEU A 345 9.59 -3.41 -21.17
CA LEU A 345 9.81 -3.38 -19.73
C LEU A 345 10.02 -1.95 -19.22
N ARG A 346 10.73 -1.13 -19.99
CA ARG A 346 11.11 0.21 -19.51
C ARG A 346 9.89 1.07 -19.24
N LEU A 347 8.89 1.00 -20.12
CA LEU A 347 7.70 1.82 -19.96
C LEU A 347 7.03 1.56 -18.62
N TRP A 348 6.74 0.29 -18.34
CA TRP A 348 6.08 -0.06 -17.10
C TRP A 348 6.99 0.22 -15.91
N SER A 349 8.30 0.10 -16.08
CA SER A 349 9.20 0.42 -14.99
C SER A 349 9.09 1.89 -14.60
N LEU A 350 9.12 2.78 -15.59
CA LEU A 350 8.99 4.21 -15.29
C LEU A 350 7.64 4.52 -14.66
N TRP A 351 6.58 3.88 -15.18
CA TRP A 351 5.27 4.09 -14.59
C TRP A 351 5.26 3.66 -13.12
N TRP A 352 5.82 2.48 -12.83
CA TRP A 352 5.86 2.01 -11.46
C TRP A 352 6.66 2.96 -10.57
N VAL A 353 7.68 3.58 -11.14
CA VAL A 353 8.53 4.48 -10.37
C VAL A 353 7.71 5.70 -9.95
N PHE A 354 7.13 6.41 -10.92
CA PHE A 354 6.52 7.70 -10.60
C PHE A 354 5.08 7.56 -10.06
N ASN A 355 4.23 6.87 -10.81
CA ASN A 355 2.81 6.86 -10.47
C ASN A 355 2.57 6.22 -9.10
N SER A 356 3.38 5.21 -8.77
CA SER A 356 3.23 4.58 -7.45
C SER A 356 3.49 5.56 -6.33
N ALA A 357 4.56 6.37 -6.47
CA ALA A 357 4.84 7.37 -5.44
C ALA A 357 3.69 8.36 -5.31
N GLY A 358 3.17 8.83 -6.43
CA GLY A 358 2.04 9.75 -6.37
C GLY A 358 0.83 9.14 -5.68
N TYR A 359 0.51 7.90 -6.05
CA TYR A 359 -0.64 7.23 -5.46
C TYR A 359 -0.46 7.02 -3.97
N TYR A 360 0.74 6.66 -3.54
CA TYR A 360 0.98 6.45 -2.12
C TYR A 360 0.86 7.75 -1.33
N LEU A 361 1.34 8.86 -1.89
CA LEU A 361 1.14 10.13 -1.21
C LEU A 361 -0.35 10.43 -1.05
N VAL A 362 -1.12 10.23 -2.12
CA VAL A 362 -2.56 10.48 -2.04
C VAL A 362 -3.20 9.57 -0.99
N VAL A 363 -2.81 8.30 -0.99
CA VAL A 363 -3.39 7.34 -0.04
C VAL A 363 -3.09 7.77 1.39
N TYR A 364 -1.90 8.31 1.62
CA TYR A 364 -1.57 8.77 2.97
C TYR A 364 -2.44 9.94 3.38
N TYR A 365 -2.52 10.98 2.54
CA TYR A 365 -3.09 12.24 2.99
C TYR A 365 -4.62 12.26 2.92
N VAL A 366 -5.22 11.37 2.13
CA VAL A 366 -6.67 11.36 1.94
C VAL A 366 -7.41 11.43 3.27
N HIS A 367 -6.97 10.66 4.28
CA HIS A 367 -7.70 10.61 5.54
C HIS A 367 -7.71 11.97 6.22
N ILE A 368 -6.58 12.66 6.22
CA ILE A 368 -6.54 13.98 6.84
C ILE A 368 -7.44 14.95 6.07
N LEU A 369 -7.48 14.81 4.74
CA LEU A 369 -8.42 15.63 3.98
C LEU A 369 -9.86 15.34 4.41
N TRP A 370 -10.20 14.06 4.57
CA TRP A 370 -11.54 13.70 4.98
C TRP A 370 -11.89 14.34 6.32
N ASN A 371 -10.97 14.25 7.28
CA ASN A 371 -11.21 14.91 8.56
C ASN A 371 -11.38 16.41 8.39
N GLU A 372 -10.63 17.00 7.45
CA GLU A 372 -10.76 18.43 7.18
C GLU A 372 -12.16 18.77 6.70
N VAL A 373 -12.72 17.96 5.80
CA VAL A 373 -14.00 18.30 5.18
C VAL A 373 -15.10 18.35 6.23
N ASP A 374 -15.17 17.37 7.12
CA ASP A 374 -16.26 17.25 8.08
C ASP A 374 -15.71 16.95 9.47
N PRO A 375 -16.10 17.72 10.49
CA PRO A 375 -15.63 17.42 11.85
C PRO A 375 -16.29 16.18 12.39
N THR A 376 -15.51 15.37 13.13
CA THR A 376 -16.01 14.14 13.73
C THR A 376 -16.54 14.44 15.14
N THR A 377 -17.65 15.16 15.17
CA THR A 377 -18.29 15.49 16.45
C THR A 377 -18.76 14.23 17.15
N ASN A 378 -19.35 13.30 16.41
CA ASN A 378 -19.80 12.02 16.94
C ASN A 378 -18.98 10.91 16.31
N SER A 379 -18.54 9.97 17.14
CA SER A 379 -17.70 8.88 16.65
C SER A 379 -18.43 8.05 15.61
N ALA A 380 -19.72 7.77 15.83
CA ALA A 380 -20.46 6.91 14.93
C ALA A 380 -20.53 7.51 13.52
N ARG A 381 -20.65 8.82 13.43
CA ARG A 381 -20.88 9.46 12.13
C ARG A 381 -19.78 9.10 11.12
N VAL A 382 -18.54 9.01 11.59
CA VAL A 382 -17.43 8.78 10.66
C VAL A 382 -17.57 7.42 10.00
N TYR A 383 -17.22 7.35 8.71
CA TYR A 383 -17.35 6.13 7.92
C TYR A 383 -16.03 5.77 7.23
N ASN A 384 -14.89 6.06 7.88
CA ASN A 384 -13.60 5.83 7.24
C ASN A 384 -13.42 4.37 6.84
N GLY A 385 -13.73 3.44 7.74
CA GLY A 385 -13.47 2.03 7.47
C GLY A 385 -14.26 1.51 6.29
N ALA A 386 -15.52 1.95 6.16
CA ALA A 386 -16.35 1.44 5.08
C ALA A 386 -15.76 1.79 3.72
N ALA A 387 -15.16 2.97 3.61
CA ALA A 387 -14.48 3.33 2.37
C ALA A 387 -13.34 2.36 2.09
N ASP A 388 -12.59 1.99 3.13
CA ASP A 388 -11.51 1.04 2.96
C ASP A 388 -12.03 -0.30 2.47
N ALA A 389 -13.11 -0.79 3.06
CA ALA A 389 -13.64 -2.10 2.66
C ALA A 389 -14.16 -2.06 1.22
N ALA A 390 -14.87 -1.00 0.86
CA ALA A 390 -15.38 -0.89 -0.50
C ALA A 390 -14.23 -0.80 -1.50
N SER A 391 -13.18 -0.05 -1.16
CA SER A 391 -12.01 0.01 -2.03
C SER A 391 -11.36 -1.35 -2.18
N THR A 392 -11.27 -2.11 -1.09
CA THR A 392 -10.69 -3.45 -1.16
C THR A 392 -11.51 -4.35 -2.08
N LEU A 393 -12.83 -4.31 -1.93
CA LEU A 393 -13.69 -5.15 -2.77
C LEU A 393 -13.60 -4.74 -4.23
N LEU A 394 -13.64 -3.43 -4.50
CA LEU A 394 -13.56 -2.97 -5.88
C LEU A 394 -12.20 -3.32 -6.48
N GLY A 395 -11.13 -3.21 -5.69
CA GLY A 395 -9.83 -3.63 -6.15
C GLY A 395 -9.79 -5.11 -6.48
N ALA A 396 -10.42 -5.93 -5.65
CA ALA A 396 -10.46 -7.36 -5.93
C ALA A 396 -11.15 -7.63 -7.26
N ILE A 397 -12.34 -7.06 -7.44
CA ILE A 397 -13.10 -7.34 -8.66
C ILE A 397 -12.35 -6.83 -9.89
N THR A 398 -11.79 -5.62 -9.81
CA THR A 398 -11.10 -5.07 -10.97
C THR A 398 -9.80 -5.82 -11.26
N SER A 399 -9.12 -6.29 -10.21
CA SER A 399 -7.93 -7.10 -10.42
C SER A 399 -8.27 -8.40 -11.13
N PHE A 400 -9.39 -9.02 -10.76
CA PHE A 400 -9.82 -10.22 -11.48
C PHE A 400 -9.98 -9.94 -12.97
N ALA A 401 -10.51 -8.76 -13.31
CA ALA A 401 -10.74 -8.44 -14.71
C ALA A 401 -9.43 -8.36 -15.49
N ALA A 402 -8.38 -7.82 -14.87
CA ALA A 402 -7.15 -7.60 -15.60
C ALA A 402 -6.61 -8.91 -16.18
N GLY A 403 -6.69 -9.98 -15.41
CA GLY A 403 -6.22 -11.27 -15.91
C GLY A 403 -6.96 -11.73 -17.15
N PHE A 404 -8.25 -11.36 -17.24
CA PHE A 404 -9.07 -11.84 -18.35
C PHE A 404 -8.50 -11.39 -19.69
N VAL A 405 -8.06 -10.13 -19.78
CA VAL A 405 -7.60 -9.57 -21.06
C VAL A 405 -6.19 -9.00 -20.93
N LYS A 406 -5.39 -9.58 -20.05
CA LYS A 406 -4.03 -9.06 -19.85
C LYS A 406 -3.22 -9.15 -21.14
N ILE A 407 -3.25 -10.31 -21.81
CA ILE A 407 -2.52 -10.45 -23.06
C ILE A 407 -3.19 -9.65 -24.17
N ARG A 408 -4.52 -9.68 -24.24
CA ARG A 408 -5.21 -9.10 -25.38
C ARG A 408 -5.01 -7.59 -25.46
N TRP A 409 -4.75 -6.94 -24.34
CA TRP A 409 -4.50 -5.50 -24.31
C TRP A 409 -3.02 -5.17 -24.27
N ALA A 410 -2.15 -6.16 -24.47
CA ALA A 410 -0.71 -5.90 -24.42
C ALA A 410 -0.29 -4.93 -25.53
N ARG A 411 -0.89 -5.06 -26.72
CA ARG A 411 -0.47 -4.22 -27.84
C ARG A 411 -0.67 -2.74 -27.53
N TRP A 412 -1.79 -2.39 -26.90
CA TRP A 412 -2.09 -1.01 -26.51
C TRP A 412 -1.79 -0.88 -25.02
N SER A 413 -0.66 -0.23 -24.69
CA SER A 413 -0.27 -0.01 -23.31
C SER A 413 -0.07 1.46 -22.96
N LYS A 414 0.55 2.25 -23.83
CA LYS A 414 0.69 3.67 -23.56
C LYS A 414 -0.68 4.35 -23.51
N LEU A 415 -1.54 4.03 -24.47
CA LEU A 415 -2.88 4.62 -24.49
C LEU A 415 -3.68 4.19 -23.27
N LEU A 416 -3.56 2.92 -22.87
CA LEU A 416 -4.25 2.46 -21.67
C LEU A 416 -3.77 3.21 -20.44
N ILE A 417 -2.45 3.39 -20.32
CA ILE A 417 -1.90 4.13 -19.20
C ILE A 417 -2.44 5.55 -19.18
N ALA A 418 -2.47 6.20 -20.35
CA ALA A 418 -2.98 7.57 -20.41
C ALA A 418 -4.43 7.62 -20.00
N GLY A 419 -5.24 6.68 -20.49
CA GLY A 419 -6.66 6.69 -20.16
C GLY A 419 -6.92 6.53 -18.68
N VAL A 420 -6.16 5.63 -18.04
CA VAL A 420 -6.38 5.44 -16.60
C VAL A 420 -5.82 6.63 -15.81
N THR A 421 -4.67 7.15 -16.21
CA THR A 421 -4.06 8.25 -15.46
C THR A 421 -4.91 9.51 -15.54
N ALA A 422 -5.54 9.76 -16.68
CA ALA A 422 -6.43 10.91 -16.79
C ALA A 422 -7.53 10.85 -15.74
N THR A 423 -8.19 9.69 -15.64
CA THR A 423 -9.25 9.54 -14.65
C THR A 423 -8.70 9.69 -13.22
N GLN A 424 -7.52 9.14 -12.96
CA GLN A 424 -6.94 9.29 -11.63
C GLN A 424 -6.72 10.76 -11.30
N ALA A 425 -6.16 11.52 -12.26
CA ALA A 425 -5.94 12.94 -12.04
C ALA A 425 -7.25 13.67 -11.82
N GLY A 426 -8.27 13.34 -12.59
CA GLY A 426 -9.57 13.97 -12.42
C GLY A 426 -10.16 13.70 -11.06
N LEU A 427 -10.04 12.46 -10.58
CA LEU A 427 -10.54 12.13 -9.24
C LEU A 427 -9.78 12.88 -8.17
N VAL A 428 -8.46 13.01 -8.32
CA VAL A 428 -7.70 13.76 -7.33
C VAL A 428 -8.13 15.22 -7.32
N PHE A 429 -8.36 15.79 -8.51
CA PHE A 429 -8.82 17.18 -8.57
C PHE A 429 -10.18 17.33 -7.91
N LEU A 430 -11.08 16.38 -8.14
CA LEU A 430 -12.40 16.43 -7.51
C LEU A 430 -12.27 16.35 -5.99
N LEU A 431 -11.39 15.49 -5.49
CA LEU A 431 -11.13 15.45 -4.06
C LEU A 431 -10.65 16.79 -3.56
N ALA A 432 -9.79 17.45 -4.33
CA ALA A 432 -9.26 18.75 -3.92
C ALA A 432 -10.37 19.80 -3.87
N HIS A 433 -11.28 19.78 -4.84
CA HIS A 433 -12.21 20.88 -5.05
C HIS A 433 -13.48 20.80 -4.21
N THR A 434 -13.72 19.70 -3.49
CA THR A 434 -14.96 19.50 -2.77
C THR A 434 -14.84 20.05 -1.35
N ARG A 435 -15.60 21.10 -1.05
CA ARG A 435 -15.55 21.76 0.25
C ARG A 435 -16.89 21.77 0.98
N HIS A 436 -17.97 21.33 0.34
CA HIS A 436 -19.28 21.40 0.98
C HIS A 436 -19.39 20.38 2.11
N PRO A 437 -19.94 20.74 3.26
CA PRO A 437 -20.07 19.75 4.35
C PRO A 437 -20.92 18.56 3.97
N SER A 438 -21.96 18.74 3.16
CA SER A 438 -22.90 17.68 2.83
C SER A 438 -22.50 16.87 1.60
N SER A 439 -21.34 17.16 1.02
CA SER A 439 -20.86 16.43 -0.16
C SER A 439 -19.88 15.33 0.20
N ILE A 440 -19.76 14.98 1.49
CA ILE A 440 -18.80 13.97 1.91
C ILE A 440 -19.12 12.63 1.26
N TRP A 441 -20.41 12.32 1.09
CA TRP A 441 -20.80 11.05 0.50
C TRP A 441 -20.21 10.89 -0.89
N LEU A 442 -20.31 11.92 -1.71
CA LEU A 442 -19.68 11.89 -3.03
C LEU A 442 -18.17 11.78 -2.91
N CYS A 443 -17.58 12.41 -1.89
CA CYS A 443 -16.14 12.36 -1.70
C CYS A 443 -15.67 10.93 -1.46
N TYR A 444 -16.42 10.16 -0.66
CA TYR A 444 -16.04 8.77 -0.43
C TYR A 444 -15.99 8.00 -1.74
N ALA A 445 -17.00 8.18 -2.59
CA ALA A 445 -17.03 7.51 -3.87
C ALA A 445 -15.85 7.92 -4.73
N ALA A 446 -15.49 9.21 -4.68
CA ALA A 446 -14.32 9.65 -5.45
C ALA A 446 -13.07 8.88 -5.05
N PHE A 447 -12.82 8.77 -3.74
CA PHE A 447 -11.61 8.10 -3.27
C PHE A 447 -11.63 6.61 -3.62
N VAL A 448 -12.77 5.95 -3.40
CA VAL A 448 -12.80 4.51 -3.69
C VAL A 448 -12.62 4.26 -5.18
N LEU A 449 -13.22 5.11 -6.02
CA LEU A 449 -13.01 4.97 -7.45
C LEU A 449 -11.54 5.17 -7.82
N PHE A 450 -10.89 6.15 -7.21
CA PHE A 450 -9.47 6.37 -7.51
C PHE A 450 -8.64 5.16 -7.09
N ARG A 451 -8.89 4.63 -5.89
CA ARG A 451 -8.12 3.48 -5.44
C ARG A 451 -8.35 2.28 -6.34
N GLY A 452 -9.60 2.05 -6.75
CA GLY A 452 -9.86 0.97 -7.67
C GLY A 452 -9.16 1.15 -9.00
N SER A 453 -9.16 2.40 -9.50
CA SER A 453 -8.48 2.68 -10.76
C SER A 453 -7.00 2.36 -10.67
N TYR A 454 -6.36 2.74 -9.57
CA TYR A 454 -4.94 2.38 -9.41
C TYR A 454 -4.75 0.88 -9.26
N GLN A 455 -5.62 0.22 -8.50
CA GLN A 455 -5.47 -1.21 -8.26
C GLN A 455 -5.58 -2.00 -9.56
N PHE A 456 -6.47 -1.56 -10.46
CA PHE A 456 -6.67 -2.28 -11.70
C PHE A 456 -5.39 -2.37 -12.51
N LEU A 457 -4.57 -1.32 -12.48
CA LEU A 457 -3.39 -1.27 -13.33
C LEU A 457 -2.28 -2.19 -12.84
N VAL A 458 -2.24 -2.50 -11.54
CA VAL A 458 -1.08 -3.21 -10.98
C VAL A 458 -0.88 -4.58 -11.61
N PRO A 459 -1.89 -5.45 -11.72
CA PRO A 459 -1.62 -6.79 -12.26
C PRO A 459 -1.03 -6.78 -13.65
N ILE A 460 -1.48 -5.86 -14.51
CA ILE A 460 -0.93 -5.79 -15.86
C ILE A 460 0.55 -5.45 -15.80
N ALA A 461 0.92 -4.49 -14.95
CA ALA A 461 2.33 -4.13 -14.81
C ALA A 461 3.15 -5.31 -14.31
N THR A 462 2.63 -6.02 -13.30
CA THR A 462 3.38 -7.14 -12.74
C THR A 462 3.59 -8.23 -13.79
N PHE A 463 2.54 -8.57 -14.53
CA PHE A 463 2.69 -9.60 -15.55
C PHE A 463 3.66 -9.15 -16.64
N GLN A 464 3.54 -7.90 -17.10
CA GLN A 464 4.40 -7.43 -18.17
C GLN A 464 5.86 -7.43 -17.74
N ILE A 465 6.15 -7.00 -16.51
CA ILE A 465 7.52 -6.98 -16.03
C ILE A 465 8.04 -8.40 -15.85
N ALA A 466 7.23 -9.28 -15.26
CA ALA A 466 7.73 -10.57 -14.81
C ALA A 466 8.18 -11.45 -15.98
N SER A 467 7.46 -11.40 -17.10
CA SER A 467 7.61 -12.44 -18.12
C SER A 467 9.05 -12.56 -18.60
N SER A 468 9.71 -11.43 -18.87
CA SER A 468 11.05 -11.49 -19.45
C SER A 468 12.04 -12.17 -18.50
N LEU A 469 11.97 -11.85 -17.22
CA LEU A 469 12.98 -12.29 -16.26
C LEU A 469 12.58 -13.63 -15.64
N SER A 470 13.38 -14.08 -14.68
CA SER A 470 13.16 -15.34 -13.97
C SER A 470 12.92 -15.06 -12.49
N LYS A 471 12.45 -16.09 -11.79
CA LYS A 471 12.12 -15.93 -10.37
C LYS A 471 13.30 -15.41 -9.58
N GLU A 472 14.51 -15.87 -9.91
CA GLU A 472 15.69 -15.43 -9.18
C GLU A 472 15.88 -13.92 -9.30
N LEU A 473 15.70 -13.38 -10.50
CA LEU A 473 15.94 -11.96 -10.76
C LEU A 473 14.69 -11.10 -10.58
N CYS A 474 13.51 -11.72 -10.43
CA CYS A 474 12.28 -10.95 -10.28
C CYS A 474 12.29 -10.12 -9.01
N ALA A 475 12.78 -10.70 -7.92
CA ALA A 475 12.78 -9.99 -6.65
C ALA A 475 13.72 -8.79 -6.70
N LEU A 476 14.87 -8.92 -7.33
CA LEU A 476 15.80 -7.80 -7.45
C LEU A 476 15.24 -6.71 -8.36
N VAL A 477 14.65 -7.11 -9.49
CA VAL A 477 14.05 -6.14 -10.40
C VAL A 477 12.98 -5.34 -9.68
N PHE A 478 12.12 -6.03 -8.92
CA PHE A 478 11.08 -5.32 -8.17
C PHE A 478 11.69 -4.44 -7.09
N GLY A 479 12.63 -4.97 -6.33
CA GLY A 479 13.26 -4.25 -5.24
C GLY A 479 13.83 -2.90 -5.64
N VAL A 480 14.65 -2.89 -6.69
CA VAL A 480 15.25 -1.63 -7.12
C VAL A 480 14.16 -0.61 -7.44
N ASN A 481 13.10 -1.06 -8.10
CA ASN A 481 12.00 -0.17 -8.48
C ASN A 481 11.40 0.52 -7.26
N THR A 482 11.13 -0.25 -6.21
CA THR A 482 10.51 0.33 -5.02
C THR A 482 11.43 1.33 -4.35
N PHE A 483 12.73 1.05 -4.34
CA PHE A 483 13.68 1.97 -3.73
C PHE A 483 13.71 3.30 -4.48
N PHE A 484 13.75 3.25 -5.82
CA PHE A 484 13.70 4.49 -6.58
C PHE A 484 12.37 5.23 -6.35
N ALA A 485 11.27 4.48 -6.29
CA ALA A 485 9.97 5.10 -6.06
C ALA A 485 9.93 5.80 -4.72
N THR A 486 10.49 5.16 -3.69
CA THR A 486 10.49 5.77 -2.37
C THR A 486 11.40 6.99 -2.33
N ILE A 487 12.50 6.97 -3.07
CA ILE A 487 13.35 8.17 -3.14
C ILE A 487 12.56 9.33 -3.75
N VAL A 488 11.82 9.06 -4.83
CA VAL A 488 11.01 10.12 -5.43
C VAL A 488 9.98 10.63 -4.44
N LYS A 489 9.31 9.71 -3.75
CA LYS A 489 8.28 10.12 -2.80
C LYS A 489 8.89 10.95 -1.68
N THR A 490 10.08 10.57 -1.22
CA THR A 490 10.74 11.32 -0.16
C THR A 490 11.03 12.75 -0.60
N ILE A 491 11.52 12.91 -1.83
CA ILE A 491 11.81 14.25 -2.29
C ILE A 491 10.52 15.07 -2.35
N ILE A 492 9.46 14.49 -2.91
CA ILE A 492 8.22 15.24 -3.07
C ILE A 492 7.67 15.63 -1.70
N THR A 493 7.64 14.69 -0.75
CA THR A 493 7.05 14.97 0.54
C THR A 493 7.88 15.96 1.34
N PHE A 494 9.22 15.87 1.26
CA PHE A 494 10.04 16.84 1.96
C PHE A 494 9.83 18.24 1.39
N ILE A 495 9.54 18.34 0.09
CA ILE A 495 9.33 19.67 -0.48
C ILE A 495 7.96 20.22 -0.08
N VAL A 496 6.89 19.53 -0.45
CA VAL A 496 5.56 20.12 -0.33
C VAL A 496 5.14 20.25 1.14
N SER A 497 5.34 19.20 1.93
CA SER A 497 4.66 19.07 3.22
C SER A 497 5.54 19.23 4.44
N ASP A 498 6.84 19.03 4.32
CA ASP A 498 7.72 19.07 5.48
C ASP A 498 7.97 20.51 5.92
N VAL A 499 8.21 20.67 7.22
CA VAL A 499 8.63 21.96 7.74
C VAL A 499 10.05 22.25 7.24
N ARG A 500 10.43 23.53 7.33
CA ARG A 500 11.65 24.01 6.69
C ARG A 500 11.55 23.80 5.18
N GLY A 501 10.44 24.27 4.63
CA GLY A 501 10.15 24.11 3.23
C GLY A 501 8.85 24.80 2.90
N LEU A 502 8.19 24.33 1.83
CA LEU A 502 6.90 24.91 1.48
C LEU A 502 5.90 24.72 2.61
N GLY A 503 5.82 23.51 3.16
CA GLY A 503 4.97 23.27 4.32
C GLY A 503 3.53 23.65 4.10
N LEU A 504 2.99 23.35 2.92
CA LEU A 504 1.63 23.73 2.61
C LEU A 504 0.63 22.85 3.38
N PRO A 505 -0.58 23.34 3.62
CA PRO A 505 -1.62 22.51 4.23
C PRO A 505 -2.16 21.48 3.23
N VAL A 506 -3.05 20.63 3.73
CA VAL A 506 -3.50 19.49 2.96
C VAL A 506 -4.22 19.93 1.69
N ARG A 507 -5.09 20.94 1.80
CA ARG A 507 -5.89 21.36 0.65
C ARG A 507 -5.01 21.73 -0.54
N LYS A 508 -4.12 22.70 -0.36
CA LYS A 508 -3.25 23.12 -1.45
C LYS A 508 -2.36 21.99 -1.92
N GLN A 509 -1.95 21.12 -0.98
CA GLN A 509 -1.11 19.99 -1.34
C GLN A 509 -1.82 19.08 -2.34
N PHE A 510 -3.09 18.77 -2.08
CA PHE A 510 -3.87 17.99 -3.03
C PHE A 510 -4.06 18.75 -4.34
N GLN A 511 -4.27 20.06 -4.27
CA GLN A 511 -4.39 20.83 -5.50
C GLN A 511 -3.16 20.68 -6.37
N LEU A 512 -1.98 20.64 -5.74
CA LEU A 512 -0.73 20.46 -6.49
C LEU A 512 -0.61 19.03 -7.01
N TYR A 513 -1.00 18.05 -6.21
CA TYR A 513 -0.95 16.66 -6.67
C TYR A 513 -1.81 16.47 -7.91
N SER A 514 -2.92 17.19 -8.00
CA SER A 514 -3.75 17.10 -9.20
C SER A 514 -2.95 17.49 -10.45
N VAL A 515 -2.21 18.60 -10.35
CA VAL A 515 -1.38 19.04 -11.47
C VAL A 515 -0.31 18.01 -11.78
N TYR A 516 0.26 17.40 -10.74
CA TYR A 516 1.29 16.39 -10.96
C TYR A 516 0.75 15.21 -11.76
N PHE A 517 -0.42 14.69 -11.36
CA PHE A 517 -1.02 13.58 -12.09
C PHE A 517 -1.40 13.99 -13.51
N LEU A 518 -1.89 15.22 -13.68
CA LEU A 518 -2.24 15.68 -15.02
C LEU A 518 -1.01 15.73 -15.91
N ILE A 519 0.13 16.17 -15.36
CA ILE A 519 1.37 16.17 -16.13
C ILE A 519 1.75 14.75 -16.53
N LEU A 520 1.63 13.82 -15.59
CA LEU A 520 1.94 12.43 -15.93
C LEU A 520 1.08 11.95 -17.10
N SER A 521 -0.23 12.24 -17.03
CA SER A 521 -1.14 11.80 -18.08
C SER A 521 -0.77 12.44 -19.43
N ILE A 522 -0.46 13.73 -19.42
CA ILE A 522 -0.11 14.40 -20.67
C ILE A 522 1.17 13.81 -21.26
N ILE A 523 2.14 13.49 -20.39
CA ILE A 523 3.38 12.89 -20.89
C ILE A 523 3.06 11.57 -21.58
N TYR A 524 2.24 10.73 -20.94
CA TYR A 524 1.91 9.45 -21.54
C TYR A 524 1.18 9.63 -22.86
N PHE A 525 0.23 10.56 -22.92
CA PHE A 525 -0.51 10.76 -24.16
C PHE A 525 0.42 11.23 -25.28
N LEU A 526 1.34 12.14 -24.97
CA LEU A 526 2.27 12.61 -25.99
C LEU A 526 3.14 11.46 -26.49
N GLY A 527 3.61 10.61 -25.57
CA GLY A 527 4.40 9.46 -25.98
C GLY A 527 3.61 8.52 -26.88
N ALA A 528 2.35 8.25 -26.52
CA ALA A 528 1.52 7.37 -27.33
C ALA A 528 1.30 7.96 -28.72
N MET A 529 1.06 9.27 -28.80
CA MET A 529 0.87 9.89 -30.10
C MET A 529 2.14 9.81 -30.94
N LEU A 530 3.29 10.04 -30.32
CA LEU A 530 4.55 9.93 -31.05
C LEU A 530 4.74 8.51 -31.58
N ASP A 531 4.44 7.50 -30.76
CA ASP A 531 4.55 6.12 -31.23
C ASP A 531 3.58 5.86 -32.39
N GLY A 532 2.34 6.30 -32.24
CA GLY A 532 1.35 6.09 -33.28
C GLY A 532 1.76 6.73 -34.60
N LEU A 533 2.39 7.89 -34.54
CA LEU A 533 2.72 8.61 -35.77
C LEU A 533 3.58 7.75 -36.70
N ARG A 534 4.57 7.07 -36.14
CA ARG A 534 5.41 6.19 -36.96
C ARG A 534 4.61 5.01 -37.50
N HIS A 535 3.68 4.47 -36.68
CA HIS A 535 2.96 3.28 -37.07
C HIS A 535 2.27 3.44 -38.42
N CYS A 536 1.76 4.64 -38.71
CA CYS A 536 1.08 4.86 -39.98
C CYS A 536 2.02 4.63 -41.15
N GLN A 537 3.26 5.11 -41.05
CA GLN A 537 4.24 4.93 -42.11
C GLN A 537 4.70 3.49 -42.20
#